data_2GZR
#
_entry.id   2GZR
#
_cell.length_a   36.220
_cell.length_b   36.980
_cell.length_c   44.208
_cell.angle_alpha   111.469
_cell.angle_beta   89.691
_cell.angle_gamma   102.991
#
_symmetry.space_group_name_H-M   'P 1'
#
_entity_poly.entity_id   1
_entity_poly.type   'polypeptide(L)'
_entity_poly.pdbx_seq_one_letter_code
;PNIADKGSVFYHFSATSFDSVDGTRHYRVWTAVPNTTAPASGYPILY(MSE)LDGNAV(MSE)DRLDDELLKQLSEKTPP
VIVAVGYQTNLPFDLNSRAYDYTPAAESRKTDLHSGRFSRKSGGSNNFRQLLETRIAPKVEQGLNIDRQRRGLWGHSYGG
LFVLDSWLSSSYFRSYYSASPSLGRGYDALLSRVTAVEPLQFCTKHLAI(MSE)EGSATQGDNRETHAVGVLSKIHTTLT
ILKDKGVNAVFWDFPNLGHGP(MSE)FNASFRQALLDISGENANYTAGCHELSH
;
_entity_poly.pdbx_strand_id   A
#
# COMPACT_ATOMS: atom_id res chain seq x y z
N PRO A 1 6.09 -9.14 12.84
CA PRO A 1 5.61 -8.06 13.75
C PRO A 1 6.27 -8.06 15.13
N ASN A 2 7.51 -8.52 15.17
CA ASN A 2 8.24 -8.58 16.43
C ASN A 2 8.67 -7.21 16.95
N ILE A 3 8.95 -6.27 16.05
CA ILE A 3 9.37 -4.93 16.49
C ILE A 3 8.21 -4.27 17.24
N ALA A 4 7.01 -4.83 17.05
CA ALA A 4 5.81 -4.32 17.72
C ALA A 4 5.84 -4.85 19.16
N ASP A 5 6.10 -6.14 19.28
CA ASP A 5 6.20 -6.78 20.59
C ASP A 5 7.41 -6.16 21.27
N LYS A 6 8.52 -6.16 20.54
CA LYS A 6 9.78 -5.60 21.00
C LYS A 6 9.58 -4.16 21.45
N GLY A 7 9.44 -3.25 20.49
CA GLY A 7 9.23 -1.85 20.82
C GLY A 7 10.36 -0.99 20.28
N SER A 8 9.99 0.17 19.77
CA SER A 8 10.97 1.11 19.21
C SER A 8 10.99 2.45 19.96
N VAL A 9 12.13 3.13 19.94
CA VAL A 9 12.24 4.42 20.59
C VAL A 9 11.66 5.50 19.68
N PHE A 10 11.57 5.19 18.38
CA PHE A 10 11.03 6.15 17.42
C PHE A 10 9.52 6.04 17.22
N TYR A 11 8.97 4.88 17.55
CA TYR A 11 7.54 4.65 17.37
C TYR A 11 6.97 3.81 18.49
N HIS A 12 5.67 3.90 18.70
CA HIS A 12 4.98 3.06 19.68
C HIS A 12 3.87 2.36 18.91
N PHE A 13 3.59 1.11 19.25
CA PHE A 13 2.61 0.31 18.53
C PHE A 13 1.34 -0.08 19.29
N SER A 14 0.37 -0.57 18.51
CA SER A 14 -0.90 -1.04 19.02
C SER A 14 -1.50 -1.97 17.96
N ALA A 15 -1.98 -3.12 18.40
CA ALA A 15 -2.58 -4.10 17.51
C ALA A 15 -4.08 -4.12 17.74
N THR A 16 -4.84 -4.37 16.68
CA THR A 16 -6.29 -4.42 16.78
C THR A 16 -6.82 -5.48 15.83
N SER A 17 -8.05 -5.91 16.04
CA SER A 17 -8.63 -6.97 15.22
C SER A 17 -9.86 -6.59 14.41
N PHE A 18 -10.00 -7.31 13.29
CA PHE A 18 -11.13 -7.13 12.37
C PHE A 18 -11.42 -8.48 11.70
N ASP A 19 -12.63 -8.60 11.18
CA ASP A 19 -13.06 -9.81 10.49
C ASP A 19 -13.70 -9.41 9.17
N SER A 20 -13.66 -10.31 8.20
CA SER A 20 -14.28 -10.06 6.90
C SER A 20 -15.78 -10.30 7.11
N VAL A 21 -16.63 -9.79 6.21
CA VAL A 21 -18.06 -10.00 6.38
C VAL A 21 -18.43 -11.49 6.32
N ASP A 22 -17.82 -12.26 5.41
CA ASP A 22 -18.16 -13.68 5.34
C ASP A 22 -17.70 -14.40 6.60
N GLY A 23 -16.87 -13.71 7.39
CA GLY A 23 -16.39 -14.26 8.64
C GLY A 23 -15.33 -15.34 8.58
N THR A 24 -14.76 -15.58 7.42
CA THR A 24 -13.75 -16.63 7.28
C THR A 24 -12.33 -16.08 7.27
N ARG A 25 -12.19 -14.76 7.20
CA ARG A 25 -10.87 -14.15 7.20
C ARG A 25 -10.77 -13.23 8.41
N HIS A 26 -9.64 -13.33 9.12
CA HIS A 26 -9.43 -12.53 10.31
C HIS A 26 -8.17 -11.70 10.19
N TYR A 27 -8.32 -10.41 10.45
CA TYR A 27 -7.22 -9.46 10.32
C TYR A 27 -6.58 -8.98 11.60
N ARG A 28 -5.28 -8.73 11.51
CA ARG A 28 -4.53 -8.19 12.62
C ARG A 28 -3.91 -6.91 12.03
N VAL A 29 -4.30 -5.77 12.59
CA VAL A 29 -3.79 -4.49 12.11
C VAL A 29 -2.91 -3.80 13.16
N TRP A 30 -1.67 -3.53 12.77
CA TRP A 30 -0.71 -2.87 13.64
C TRP A 30 -0.60 -1.43 13.24
N THR A 31 -0.83 -0.52 14.20
CA THR A 31 -0.72 0.90 13.93
C THR A 31 0.54 1.39 14.63
N ALA A 32 1.46 1.95 13.84
CA ALA A 32 2.72 2.48 14.35
C ALA A 32 2.67 4.02 14.33
N VAL A 33 2.79 4.64 15.50
CA VAL A 33 2.74 6.10 15.60
C VAL A 33 4.12 6.65 15.95
N PRO A 34 4.61 7.63 15.18
CA PRO A 34 5.93 8.20 15.48
C PRO A 34 5.99 8.74 16.91
N ASN A 35 7.14 8.56 17.58
CA ASN A 35 7.29 9.05 18.94
C ASN A 35 7.64 10.53 18.93
N THR A 36 7.85 11.06 17.74
CA THR A 36 8.15 12.47 17.57
C THR A 36 6.86 13.21 17.24
N THR A 37 6.75 14.42 17.75
CA THR A 37 5.57 15.25 17.55
C THR A 37 5.12 15.40 16.10
N ALA A 38 3.81 15.33 15.88
CA ALA A 38 3.22 15.45 14.56
C ALA A 38 3.16 16.90 14.09
N PRO A 39 3.38 17.12 12.78
CA PRO A 39 3.34 18.46 12.20
C PRO A 39 1.93 19.02 12.37
N ALA A 40 1.79 20.34 12.31
CA ALA A 40 0.50 20.99 12.47
C ALA A 40 -0.58 20.31 11.64
N SER A 41 -0.31 20.17 10.35
CA SER A 41 -1.25 19.53 9.43
C SER A 41 -1.57 18.09 9.82
N GLY A 42 -0.65 17.48 10.57
CA GLY A 42 -0.85 16.10 11.01
C GLY A 42 0.12 15.12 10.37
N TYR A 43 0.25 13.95 11.00
CA TYR A 43 1.13 12.90 10.49
C TYR A 43 0.64 12.33 9.16
N PRO A 44 1.54 12.18 8.17
CA PRO A 44 1.03 11.60 6.92
C PRO A 44 0.78 10.12 7.32
N ILE A 45 0.02 9.38 6.53
CA ILE A 45 -0.26 7.99 6.88
C ILE A 45 -0.17 7.03 5.70
N LEU A 46 0.41 5.85 5.95
CA LEU A 46 0.55 4.85 4.90
C LEU A 46 -0.02 3.51 5.31
N TYR A 47 -1.07 3.09 4.60
CA TYR A 47 -1.72 1.81 4.83
C TYR A 47 -0.96 0.81 3.98
N LEU A 49 -0.27 -3.40 2.88
CA LEU A 49 -0.76 -4.77 2.81
C LEU A 49 0.32 -5.76 3.24
N ASP A 50 -0.07 -7.03 3.40
CA ASP A 50 0.85 -8.06 3.86
C ASP A 50 1.48 -7.57 5.18
N GLY A 51 0.61 -7.04 6.05
CA GLY A 51 1.01 -6.51 7.34
C GLY A 51 1.96 -7.32 8.21
N ASN A 52 1.77 -8.64 8.31
CA ASN A 52 2.65 -9.46 9.13
C ASN A 52 4.07 -9.42 8.58
N ALA A 53 4.20 -9.43 7.26
CA ALA A 53 5.50 -9.38 6.61
C ALA A 53 6.18 -8.03 6.84
N VAL A 54 5.45 -6.94 6.61
CA VAL A 54 6.03 -5.61 6.83
C VAL A 54 6.52 -5.49 8.27
N ASP A 56 7.38 -7.75 10.42
CA ASP A 56 8.47 -8.64 10.72
C ASP A 56 9.80 -8.13 10.17
N ARG A 57 9.75 -7.22 9.20
CA ARG A 57 10.96 -6.70 8.58
C ARG A 57 11.24 -5.24 8.91
N LEU A 58 10.30 -4.61 9.61
CA LEU A 58 10.45 -3.22 10.00
C LEU A 58 11.63 -3.11 10.97
N ASP A 59 12.59 -2.24 10.66
CA ASP A 59 13.77 -2.05 11.51
C ASP A 59 13.86 -0.62 12.01
N ASP A 60 14.73 -0.38 12.99
CA ASP A 60 14.92 0.95 13.56
C ASP A 60 15.73 1.93 12.70
N GLU A 61 16.65 1.41 11.90
CA GLU A 61 17.46 2.25 11.03
C GLU A 61 16.47 3.03 10.15
N LEU A 62 15.47 2.32 9.65
CA LEU A 62 14.45 2.92 8.80
C LEU A 62 13.58 3.91 9.57
N LEU A 63 13.16 3.51 10.76
CA LEU A 63 12.34 4.36 11.60
C LEU A 63 13.07 5.67 11.89
N LYS A 64 14.36 5.55 12.21
CA LYS A 64 15.25 6.66 12.49
C LYS A 64 15.24 7.58 11.25
N GLN A 65 15.51 6.98 10.09
CA GLN A 65 15.55 7.73 8.84
C GLN A 65 14.24 8.47 8.56
N LEU A 66 13.11 7.80 8.78
CA LEU A 66 11.83 8.44 8.53
C LEU A 66 11.68 9.61 9.51
N SER A 67 12.28 9.46 10.68
CA SER A 67 12.20 10.48 11.70
C SER A 67 13.03 11.71 11.35
N GLU A 68 13.95 11.54 10.39
CA GLU A 68 14.80 12.64 9.95
C GLU A 68 13.99 13.70 9.19
N LYS A 69 12.85 13.28 8.65
CA LYS A 69 11.96 14.19 7.91
C LYS A 69 10.63 14.22 8.64
N THR A 70 9.54 13.92 7.92
CA THR A 70 8.21 13.90 8.53
C THR A 70 7.73 12.45 8.61
N PRO A 71 8.06 11.76 9.72
CA PRO A 71 7.66 10.36 9.93
C PRO A 71 6.15 10.12 9.84
N PRO A 72 5.74 9.14 9.03
CA PRO A 72 4.33 8.79 8.84
C PRO A 72 3.81 7.75 9.84
N VAL A 73 2.49 7.72 9.99
CA VAL A 73 1.85 6.74 10.84
C VAL A 73 1.78 5.54 9.89
N ILE A 74 2.15 4.37 10.38
CA ILE A 74 2.12 3.16 9.55
C ILE A 74 1.03 2.20 9.97
N VAL A 75 0.17 1.83 9.02
CA VAL A 75 -0.91 0.90 9.28
C VAL A 75 -0.64 -0.37 8.48
N ALA A 76 -0.12 -1.38 9.16
CA ALA A 76 0.18 -2.66 8.53
C ALA A 76 -0.99 -3.60 8.68
N VAL A 77 -1.80 -3.67 7.64
CA VAL A 77 -2.97 -4.54 7.64
C VAL A 77 -2.55 -5.99 7.36
N GLY A 78 -2.39 -6.76 8.43
CA GLY A 78 -1.99 -8.15 8.27
C GLY A 78 -3.13 -9.10 8.59
N TYR A 79 -2.75 -10.35 8.89
CA TYR A 79 -3.71 -11.40 9.19
C TYR A 79 -3.37 -12.07 10.52
N GLN A 80 -4.41 -12.58 11.19
CA GLN A 80 -4.24 -13.29 12.46
C GLN A 80 -3.62 -14.66 12.18
N THR A 81 -2.30 -14.68 12.17
CA THR A 81 -1.52 -15.89 11.90
C THR A 81 -0.09 -15.68 12.40
N ASN A 82 0.71 -16.76 12.39
CA ASN A 82 2.10 -16.71 12.85
C ASN A 82 3.12 -16.56 11.71
N LEU A 83 2.67 -16.76 10.47
CA LEU A 83 3.56 -16.63 9.32
C LEU A 83 3.49 -15.19 8.80
N PRO A 84 4.55 -14.75 8.09
CA PRO A 84 4.57 -13.38 7.54
C PRO A 84 3.55 -13.11 6.43
N PHE A 85 3.12 -14.17 5.74
CA PHE A 85 2.15 -14.05 4.64
C PHE A 85 1.01 -15.07 4.72
N ASP A 86 -0.20 -14.65 4.39
CA ASP A 86 -1.34 -15.58 4.36
C ASP A 86 -1.70 -15.66 2.87
N LEU A 87 -1.08 -16.61 2.19
CA LEU A 87 -1.26 -16.80 0.75
C LEU A 87 -2.69 -16.89 0.23
N ASN A 88 -3.55 -17.61 0.93
CA ASN A 88 -4.94 -17.73 0.50
C ASN A 88 -5.76 -16.49 0.77
N SER A 89 -5.60 -15.92 1.95
CA SER A 89 -6.32 -14.71 2.30
C SER A 89 -6.00 -13.57 1.33
N ARG A 90 -4.72 -13.23 1.21
CA ARG A 90 -4.27 -12.15 0.33
C ARG A 90 -4.60 -12.42 -1.14
N ALA A 91 -4.52 -13.69 -1.54
CA ALA A 91 -4.80 -14.07 -2.93
C ALA A 91 -6.25 -13.71 -3.30
N TYR A 92 -7.12 -13.68 -2.31
CA TYR A 92 -8.51 -13.32 -2.55
C TYR A 92 -8.79 -11.84 -2.32
N ASP A 93 -8.34 -11.29 -1.20
CA ASP A 93 -8.58 -9.87 -0.90
C ASP A 93 -7.91 -8.86 -1.83
N TYR A 94 -6.79 -9.23 -2.45
CA TYR A 94 -6.06 -8.29 -3.30
C TYR A 94 -6.33 -8.30 -4.80
N THR A 95 -6.99 -9.35 -5.30
CA THR A 95 -7.26 -9.44 -6.73
C THR A 95 -8.55 -8.77 -7.14
N PRO A 96 -8.52 -8.01 -8.24
CA PRO A 96 -9.68 -7.29 -8.76
C PRO A 96 -10.85 -8.16 -9.19
N ALA A 97 -12.04 -7.72 -8.82
CA ALA A 97 -13.26 -8.44 -9.14
C ALA A 97 -13.54 -8.35 -10.64
N ALA A 98 -13.38 -7.16 -11.22
CA ALA A 98 -13.61 -6.96 -12.64
C ALA A 98 -12.98 -8.07 -13.48
N GLU A 99 -11.69 -8.32 -13.25
CA GLU A 99 -10.99 -9.38 -13.97
C GLU A 99 -10.67 -10.55 -13.05
N ARG A 112 -8.48 -21.90 -6.56
CA ARG A 112 -8.48 -20.96 -5.44
C ARG A 112 -9.34 -19.74 -5.70
N LYS A 113 -9.91 -19.21 -4.64
CA LYS A 113 -10.80 -18.04 -4.69
C LYS A 113 -10.09 -16.69 -4.91
N SER A 114 -10.56 -15.93 -5.90
CA SER A 114 -9.99 -14.61 -6.19
C SER A 114 -11.07 -13.55 -6.41
N GLY A 115 -10.67 -12.29 -6.54
CA GLY A 115 -11.61 -11.21 -6.80
C GLY A 115 -12.31 -10.54 -5.62
N GLY A 116 -11.68 -10.50 -4.45
CA GLY A 116 -12.32 -9.89 -3.30
C GLY A 116 -11.85 -8.48 -2.99
N SER A 117 -11.20 -7.83 -3.96
CA SER A 117 -10.66 -6.48 -3.75
C SER A 117 -11.69 -5.43 -3.30
N ASN A 118 -12.85 -5.39 -3.95
CA ASN A 118 -13.89 -4.42 -3.59
C ASN A 118 -14.39 -4.55 -2.15
N ASN A 119 -14.60 -5.77 -1.70
CA ASN A 119 -15.08 -6.00 -0.35
C ASN A 119 -13.98 -5.73 0.68
N PHE A 120 -12.75 -6.00 0.29
CA PHE A 120 -11.61 -5.76 1.16
C PHE A 120 -11.39 -4.24 1.25
N ARG A 121 -11.71 -3.54 0.16
CA ARG A 121 -11.57 -2.09 0.11
C ARG A 121 -12.64 -1.50 1.00
N GLN A 122 -13.84 -2.09 0.92
CA GLN A 122 -14.97 -1.66 1.73
C GLN A 122 -14.58 -1.77 3.21
N LEU A 123 -14.04 -2.93 3.59
CA LEU A 123 -13.59 -3.18 4.95
C LEU A 123 -12.54 -2.15 5.36
N LEU A 124 -11.54 -1.99 4.50
CA LEU A 124 -10.43 -1.07 4.73
C LEU A 124 -10.81 0.39 4.92
N GLU A 125 -11.55 0.91 3.95
CA GLU A 125 -11.95 2.31 3.94
C GLU A 125 -13.10 2.73 4.84
N THR A 126 -13.99 1.80 5.20
CA THR A 126 -15.11 2.16 6.06
C THR A 126 -15.07 1.57 7.45
N ARG A 127 -14.09 0.72 7.73
CA ARG A 127 -14.02 0.11 9.06
C ARG A 127 -12.65 0.25 9.73
N ILE A 128 -11.62 -0.25 9.07
CA ILE A 128 -10.29 -0.19 9.63
C ILE A 128 -9.70 1.22 9.70
N ALA A 129 -9.67 1.91 8.57
CA ALA A 129 -9.11 3.26 8.51
C ALA A 129 -9.79 4.19 9.50
N PRO A 130 -11.13 4.25 9.48
CA PRO A 130 -11.86 5.14 10.41
C PRO A 130 -11.49 4.86 11.86
N LYS A 131 -11.34 3.58 12.18
CA LYS A 131 -11.01 3.18 13.54
C LYS A 131 -9.58 3.46 13.99
N VAL A 132 -8.59 3.20 13.12
CA VAL A 132 -7.20 3.41 13.51
C VAL A 132 -6.74 4.86 13.52
N GLU A 133 -7.40 5.73 12.75
CA GLU A 133 -7.01 7.13 12.74
C GLU A 133 -7.68 7.88 13.90
N GLN A 134 -8.49 7.16 14.67
CA GLN A 134 -9.23 7.71 15.81
C GLN A 134 -8.31 8.18 16.93
N GLY A 135 -8.50 9.42 17.36
CA GLY A 135 -7.68 9.96 18.41
C GLY A 135 -6.28 10.27 17.92
N LEU A 136 -6.14 10.47 16.61
CA LEU A 136 -4.82 10.76 16.04
C LEU A 136 -4.89 11.94 15.08
N ASN A 137 -3.86 12.78 15.06
CA ASN A 137 -3.88 13.89 14.11
C ASN A 137 -3.19 13.37 12.86
N ILE A 138 -4.00 13.14 11.84
CA ILE A 138 -3.51 12.63 10.58
C ILE A 138 -3.77 13.63 9.46
N ASP A 139 -2.79 13.77 8.57
CA ASP A 139 -2.98 14.65 7.43
C ASP A 139 -3.74 13.73 6.48
N ARG A 140 -5.06 13.73 6.61
CA ARG A 140 -5.92 12.88 5.79
C ARG A 140 -5.79 13.20 4.31
N GLN A 141 -5.18 14.35 4.03
CA GLN A 141 -4.97 14.77 2.66
C GLN A 141 -3.67 14.12 2.19
N ARG A 142 -2.98 13.47 3.14
CA ARG A 142 -1.71 12.79 2.86
C ARG A 142 -1.77 11.28 3.12
N ARG A 143 -2.89 10.66 2.77
CA ARG A 143 -3.05 9.23 2.95
C ARG A 143 -2.41 8.48 1.79
N GLY A 144 -1.75 7.37 2.11
CA GLY A 144 -1.12 6.60 1.07
C GLY A 144 -1.46 5.13 1.18
N LEU A 145 -1.34 4.44 0.05
CA LEU A 145 -1.64 3.01 -0.03
C LEU A 145 -0.51 2.30 -0.77
N TRP A 146 0.02 1.25 -0.15
CA TRP A 146 1.11 0.49 -0.73
C TRP A 146 0.79 -1.01 -0.78
N GLY A 147 1.16 -1.64 -1.89
CA GLY A 147 0.95 -3.06 -2.07
C GLY A 147 1.98 -3.62 -3.03
N HIS A 148 2.34 -4.89 -2.83
CA HIS A 148 3.33 -5.58 -3.67
C HIS A 148 2.78 -6.88 -4.23
N SER A 149 3.12 -7.16 -5.48
CA SER A 149 2.69 -8.37 -6.17
C SER A 149 1.17 -8.35 -6.29
N TYR A 150 0.46 -9.27 -5.63
CA TYR A 150 -1.01 -9.24 -5.66
C TYR A 150 -1.44 -7.93 -5.00
N GLY A 151 -0.66 -7.51 -4.00
CA GLY A 151 -0.95 -6.26 -3.33
C GLY A 151 -0.82 -5.14 -4.34
N GLY A 152 0.10 -5.32 -5.29
CA GLY A 152 0.31 -4.33 -6.33
C GLY A 152 -0.96 -4.15 -7.14
N LEU A 153 -1.59 -5.26 -7.50
CA LEU A 153 -2.82 -5.22 -8.28
C LEU A 153 -3.96 -4.53 -7.52
N PHE A 154 -3.97 -4.69 -6.20
CA PHE A 154 -5.03 -4.09 -5.37
C PHE A 154 -4.93 -2.56 -5.35
N VAL A 155 -3.71 -2.05 -5.41
CA VAL A 155 -3.46 -0.63 -5.42
C VAL A 155 -3.97 -0.04 -6.74
N LEU A 156 -3.73 -0.75 -7.84
CA LEU A 156 -4.17 -0.30 -9.15
C LEU A 156 -5.69 -0.28 -9.18
N ASP A 157 -6.29 -1.33 -8.64
CA ASP A 157 -7.74 -1.45 -8.61
C ASP A 157 -8.31 -0.35 -7.72
N SER A 158 -7.55 0.03 -6.70
CA SER A 158 -7.97 1.07 -5.77
C SER A 158 -7.81 2.44 -6.42
N TRP A 159 -6.71 2.61 -7.14
CA TRP A 159 -6.47 3.87 -7.85
C TRP A 159 -7.66 4.14 -8.77
N LEU A 160 -8.15 3.08 -9.42
CA LEU A 160 -9.27 3.21 -10.33
C LEU A 160 -10.62 3.57 -9.71
N SER A 161 -10.81 3.32 -8.42
CA SER A 161 -12.12 3.64 -7.84
C SER A 161 -12.17 4.36 -6.49
N SER A 162 -11.07 4.40 -5.76
CA SER A 162 -11.10 5.07 -4.46
C SER A 162 -10.81 6.57 -4.53
N SER A 163 -11.35 7.30 -3.55
CA SER A 163 -11.11 8.74 -3.46
C SER A 163 -10.66 8.92 -2.03
N TYR A 164 -10.42 7.78 -1.37
CA TYR A 164 -9.99 7.75 0.00
C TYR A 164 -8.51 8.06 0.16
N PHE A 165 -7.70 7.51 -0.77
CA PHE A 165 -6.26 7.70 -0.77
C PHE A 165 -5.78 8.75 -1.75
N ARG A 166 -4.62 9.32 -1.46
CA ARG A 166 -4.03 10.34 -2.32
C ARG A 166 -2.82 9.79 -3.05
N SER A 167 -1.93 9.12 -2.32
CA SER A 167 -0.76 8.53 -2.95
C SER A 167 -0.95 7.03 -3.10
N TYR A 168 -0.55 6.50 -4.25
CA TYR A 168 -0.71 5.09 -4.53
C TYR A 168 0.61 4.48 -5.01
N TYR A 169 1.07 3.47 -4.29
CA TYR A 169 2.31 2.78 -4.59
C TYR A 169 2.06 1.32 -4.99
N SER A 170 2.08 1.06 -6.29
CA SER A 170 1.89 -0.29 -6.82
C SER A 170 3.27 -0.86 -7.10
N ALA A 171 3.65 -1.90 -6.36
CA ALA A 171 4.97 -2.50 -6.55
C ALA A 171 4.93 -3.92 -7.11
N SER A 172 5.69 -4.13 -8.18
CA SER A 172 5.76 -5.44 -8.86
C SER A 172 4.40 -6.08 -9.04
N PRO A 173 3.41 -5.31 -9.51
CA PRO A 173 2.08 -5.91 -9.70
C PRO A 173 2.18 -7.15 -10.58
N SER A 174 1.65 -8.27 -10.07
CA SER A 174 1.69 -9.52 -10.82
C SER A 174 0.52 -9.61 -11.78
N LEU A 175 0.53 -8.71 -12.77
CA LEU A 175 -0.53 -8.65 -13.77
C LEU A 175 -0.37 -9.78 -14.80
N GLY A 176 0.84 -10.30 -14.92
CA GLY A 176 1.09 -11.37 -15.87
C GLY A 176 0.52 -12.71 -15.44
N ARG A 177 -0.66 -12.69 -14.83
CA ARG A 177 -1.29 -13.93 -14.38
C ARG A 177 -2.80 -13.78 -14.26
N GLY A 178 -3.46 -13.55 -15.39
CA GLY A 178 -4.90 -13.38 -15.39
C GLY A 178 -5.33 -11.98 -15.03
N TYR A 179 -4.38 -11.04 -14.97
CA TYR A 179 -4.72 -9.66 -14.60
C TYR A 179 -4.09 -8.60 -15.49
N ASP A 180 -3.57 -9.04 -16.64
CA ASP A 180 -2.94 -8.13 -17.61
C ASP A 180 -3.87 -7.00 -18.03
N ALA A 181 -5.16 -7.29 -18.06
CA ALA A 181 -6.17 -6.31 -18.44
C ALA A 181 -6.30 -5.16 -17.45
N LEU A 182 -5.86 -5.37 -16.21
CA LEU A 182 -5.93 -4.32 -15.21
C LEU A 182 -5.09 -3.11 -15.69
N LEU A 183 -3.88 -3.39 -16.18
CA LEU A 183 -3.00 -2.32 -16.68
C LEU A 183 -3.72 -1.59 -17.79
N SER A 184 -4.38 -2.37 -18.64
CA SER A 184 -5.14 -1.83 -19.74
C SER A 184 -6.25 -0.91 -19.22
N ARG A 185 -6.97 -1.36 -18.19
CA ARG A 185 -8.05 -0.56 -17.58
C ARG A 185 -7.49 0.74 -17.00
N VAL A 186 -6.29 0.63 -16.44
CA VAL A 186 -5.61 1.77 -15.83
C VAL A 186 -5.21 2.81 -16.88
N THR A 187 -4.60 2.35 -17.97
CA THR A 187 -4.18 3.28 -19.02
C THR A 187 -5.39 3.78 -19.80
N ALA A 188 -6.56 3.21 -19.52
CA ALA A 188 -7.79 3.57 -20.23
C ALA A 188 -8.63 4.65 -19.55
N VAL A 189 -8.32 4.95 -18.31
CA VAL A 189 -9.09 5.91 -17.54
C VAL A 189 -9.51 7.19 -18.25
N GLU A 190 -10.64 7.73 -17.82
CA GLU A 190 -11.16 8.96 -18.37
C GLU A 190 -10.32 10.10 -17.81
N PRO A 191 -9.83 10.98 -18.69
CA PRO A 191 -9.00 12.14 -18.33
C PRO A 191 -9.58 13.04 -17.24
N LEU A 192 -10.90 13.15 -17.17
CA LEU A 192 -11.55 13.98 -16.17
C LEU A 192 -11.19 13.72 -14.71
N GLN A 193 -11.76 12.66 -14.15
CA GLN A 193 -11.57 12.30 -12.75
C GLN A 193 -10.22 11.70 -12.36
N PHE A 194 -9.22 11.83 -13.23
CA PHE A 194 -7.91 11.27 -12.94
C PHE A 194 -6.74 12.22 -13.18
N CYS A 195 -7.03 13.38 -13.76
CA CYS A 195 -5.98 14.35 -14.08
C CYS A 195 -4.96 14.68 -12.99
N THR A 196 -5.37 14.74 -11.73
CA THR A 196 -4.40 15.07 -10.70
C THR A 196 -3.89 13.90 -9.86
N LYS A 197 -4.63 12.80 -9.84
CA LYS A 197 -4.28 11.63 -9.04
C LYS A 197 -2.85 11.13 -9.16
N HIS A 198 -2.25 10.78 -8.02
CA HIS A 198 -0.89 10.26 -8.00
C HIS A 198 -0.88 8.72 -8.18
N LEU A 199 0.14 8.22 -8.88
CA LEU A 199 0.30 6.79 -9.11
C LEU A 199 1.75 6.46 -9.38
N ALA A 200 2.36 5.74 -8.45
CA ALA A 200 3.75 5.36 -8.59
C ALA A 200 3.88 3.84 -8.74
N ILE A 201 4.30 3.41 -9.93
CA ILE A 201 4.48 2.00 -10.19
C ILE A 201 5.94 1.68 -9.88
N GLU A 203 9.01 -1.20 -10.01
CA GLU A 203 9.51 -2.44 -10.59
C GLU A 203 11.02 -2.54 -10.49
N GLY A 204 11.52 -3.75 -10.74
CA GLY A 204 12.93 -4.02 -10.71
C GLY A 204 13.14 -5.22 -11.61
N SER A 205 13.60 -6.32 -11.02
CA SER A 205 13.83 -7.55 -11.77
C SER A 205 14.89 -7.46 -12.88
N ALA A 206 14.79 -6.45 -13.73
CA ALA A 206 15.73 -6.25 -14.82
C ALA A 206 15.25 -5.16 -15.76
N GLY A 218 8.86 -7.60 -22.18
CA GLY A 218 8.77 -6.17 -22.39
C GLY A 218 7.94 -5.49 -21.31
N VAL A 219 8.09 -5.97 -20.08
CA VAL A 219 7.36 -5.41 -18.95
C VAL A 219 7.72 -3.94 -18.78
N LEU A 220 8.99 -3.62 -18.97
CA LEU A 220 9.46 -2.24 -18.86
C LEU A 220 8.73 -1.38 -19.88
N SER A 221 8.71 -1.86 -21.12
CA SER A 221 8.06 -1.15 -22.20
C SER A 221 6.61 -0.85 -21.86
N LYS A 222 5.90 -1.85 -21.34
CA LYS A 222 4.49 -1.68 -20.99
C LYS A 222 4.29 -0.62 -19.92
N ILE A 223 5.19 -0.60 -18.94
CA ILE A 223 5.14 0.36 -17.86
C ILE A 223 5.50 1.72 -18.46
N HIS A 224 6.58 1.76 -19.24
CA HIS A 224 6.99 3.00 -19.87
C HIS A 224 5.81 3.59 -20.63
N THR A 225 5.24 2.78 -21.53
CA THR A 225 4.09 3.19 -22.33
C THR A 225 2.95 3.70 -21.45
N THR A 226 2.60 2.90 -20.45
CA THR A 226 1.52 3.26 -19.53
C THR A 226 1.71 4.66 -18.98
N LEU A 227 2.86 4.89 -18.35
CA LEU A 227 3.16 6.18 -17.77
C LEU A 227 3.20 7.27 -18.83
N THR A 228 3.57 6.90 -20.05
CA THR A 228 3.62 7.85 -21.14
C THR A 228 2.20 8.30 -21.47
N ILE A 229 1.29 7.34 -21.64
CA ILE A 229 -0.09 7.68 -21.94
C ILE A 229 -0.79 8.40 -20.79
N LEU A 230 -0.48 7.99 -19.55
CA LEU A 230 -1.08 8.61 -18.37
C LEU A 230 -0.61 10.05 -18.16
N LYS A 231 0.69 10.26 -18.29
CA LYS A 231 1.22 11.61 -18.14
C LYS A 231 0.61 12.44 -19.25
N ASP A 232 0.47 11.84 -20.42
CA ASP A 232 -0.11 12.52 -21.57
C ASP A 232 -1.55 12.97 -21.30
N LYS A 233 -2.28 12.18 -20.51
CA LYS A 233 -3.65 12.54 -20.17
C LYS A 233 -3.61 13.57 -19.05
N GLY A 234 -2.42 13.82 -18.53
CA GLY A 234 -2.28 14.78 -17.46
C GLY A 234 -2.21 14.14 -16.09
N VAL A 235 -2.10 12.81 -16.05
CA VAL A 235 -2.01 12.08 -14.77
C VAL A 235 -0.62 12.21 -14.17
N ASN A 236 -0.54 12.29 -12.84
CA ASN A 236 0.74 12.37 -12.14
C ASN A 236 1.29 10.97 -11.84
N ALA A 237 1.67 10.26 -12.90
CA ALA A 237 2.21 8.91 -12.76
C ALA A 237 3.72 8.94 -12.75
N VAL A 238 4.33 8.09 -11.92
CA VAL A 238 5.78 8.05 -11.84
C VAL A 238 6.28 6.61 -11.80
N PHE A 239 7.55 6.43 -12.11
CA PHE A 239 8.14 5.10 -12.13
C PHE A 239 9.39 5.00 -11.27
N TRP A 240 9.38 4.04 -10.34
CA TRP A 240 10.53 3.80 -9.49
C TRP A 240 11.15 2.50 -9.98
N ASP A 241 12.39 2.59 -10.49
CA ASP A 241 13.07 1.41 -10.99
C ASP A 241 14.20 0.94 -10.08
N PHE A 242 14.29 -0.37 -9.92
CA PHE A 242 15.31 -0.99 -9.07
C PHE A 242 15.91 -2.12 -9.91
N PRO A 243 16.79 -1.76 -10.86
CA PRO A 243 17.44 -2.71 -11.77
C PRO A 243 17.91 -4.03 -11.14
N ASN A 244 17.55 -5.12 -11.78
CA ASN A 244 17.93 -6.47 -11.37
C ASN A 244 17.54 -6.97 -9.99
N LEU A 245 16.65 -6.26 -9.30
CA LEU A 245 16.21 -6.73 -7.99
C LEU A 245 15.14 -7.78 -8.23
N GLY A 246 15.30 -8.97 -7.65
CA GLY A 246 14.31 -9.98 -7.86
C GLY A 246 12.94 -9.54 -7.36
N HIS A 247 11.94 -10.38 -7.58
CA HIS A 247 10.57 -10.12 -7.15
C HIS A 247 10.57 -10.05 -5.62
N GLY A 248 11.32 -10.99 -5.01
CA GLY A 248 11.41 -11.04 -3.57
C GLY A 248 11.99 -9.79 -2.92
N PRO A 249 13.22 -9.40 -3.30
CA PRO A 249 13.88 -8.21 -2.75
C PRO A 249 13.10 -6.93 -3.03
N PHE A 251 9.97 -6.47 -2.49
CA PHE A 251 9.03 -6.25 -1.38
C PHE A 251 9.61 -5.21 -0.41
N ASN A 252 10.84 -5.49 0.03
CA ASN A 252 11.57 -4.64 0.96
C ASN A 252 11.86 -3.26 0.39
N ALA A 253 12.47 -3.25 -0.80
CA ALA A 253 12.84 -2.03 -1.48
C ALA A 253 11.68 -1.07 -1.63
N SER A 254 10.57 -1.57 -2.19
CA SER A 254 9.40 -0.75 -2.42
C SER A 254 8.70 -0.29 -1.15
N PHE A 255 8.54 -1.18 -0.18
CA PHE A 255 7.87 -0.81 1.05
C PHE A 255 8.68 0.21 1.86
N ARG A 256 10.00 0.11 1.79
CA ARG A 256 10.84 1.06 2.51
C ARG A 256 10.91 2.39 1.77
N GLN A 257 11.02 2.34 0.45
CA GLN A 257 11.09 3.57 -0.35
C GLN A 257 9.78 4.33 -0.34
N ALA A 258 8.66 3.62 -0.28
CA ALA A 258 7.37 4.28 -0.27
C ALA A 258 7.28 5.07 1.04
N LEU A 259 7.65 4.42 2.14
CA LEU A 259 7.63 5.07 3.43
C LEU A 259 8.54 6.30 3.38
N LEU A 260 9.73 6.11 2.84
CA LEU A 260 10.67 7.22 2.72
C LEU A 260 10.03 8.33 1.90
N ASP A 261 9.44 7.95 0.76
CA ASP A 261 8.80 8.94 -0.08
C ASP A 261 7.69 9.69 0.66
N ILE A 262 6.76 8.96 1.26
CA ILE A 262 5.66 9.61 1.92
C ILE A 262 6.11 10.51 3.08
N SER A 263 7.29 10.21 3.65
CA SER A 263 7.83 11.01 4.75
C SER A 263 8.47 12.32 4.24
N GLY A 264 8.42 12.54 2.92
CA GLY A 264 8.99 13.75 2.36
C GLY A 264 10.40 13.67 1.82
N GLU A 265 10.85 12.46 1.46
CA GLU A 265 12.19 12.31 0.93
C GLU A 265 12.28 12.94 -0.47
#